data_6EIU
#
_entry.id   6EIU
#
_cell.length_a   143.380
_cell.length_b   143.380
_cell.length_c   153.820
_cell.angle_alpha   90.000
_cell.angle_beta   90.000
_cell.angle_gamma   120.000
#
_symmetry.space_group_name_H-M   'P 65 2 2'
#
loop_
_entity.id
_entity.type
_entity.pdbx_description
1 polymer 'Lysine-specific demethylase 5B,Lysine-specific demethylase 5B'
2 non-polymer 'ZINC ION'
3 non-polymer 'MANGANESE (II) ION'
4 non-polymer 8-oxidanyl-6-phenyl-7-propan-2-yl-imidazo[1,2-b]pyridazine-3-carbonitrile
5 non-polymer 'DIMETHYL SULFOXIDE'
6 non-polymer 1,2-ETHANEDIOL
7 water water
#
_entity_poly.entity_id   1
_entity_poly.type   'polypeptide(L)'
_entity_poly.pdbx_seq_one_letter_code
;MFLPPPECPVFEPSWEEFADPFAFIHKIRPIAEQTGICKVRPPPDWQPPFACDVDKLHFTPRIQRLNELEAQTRVKLGGG
GARDYTLRTFGEMADAFKSDYFNMPVHMVPTELVEKEFWRLVSTIEEDVTVEYGADIASKEFGSGFPVRDGKIKLSPEEE
EYLDSGWNLNNMPVMEQSVLAHITADICGMKLPWLYVGMCFSSFCWHIEDHWSYSINYLHWGEPKTWYGVPGYAAEQLEN
VMKKLAPELFVSQPDLLHQLVTIMNPNTLMTHEVPVYRTNQCAGEFVITFPRAYHSGFNQGFNFAEAVNFCTVDWLPLGR
QCVEHYRLLHRYCVFSHDEMICKMASKADVLDVVVASTVQKDMAIMIEDEKALRETVRKLGVIDSERMDFELLPDDERQC
VKCKTTCFMSAISCSCKPGLLVCLHHVKELCSCPPYKYKLRYRYTLDDLYPMMNALKLRAES
;
_entity_poly.pdbx_strand_id   A
#
# COMPACT_ATOMS: atom_id res chain seq x y z
N MET A 1 -12.14 -5.46 29.86
CA MET A 1 -12.77 -6.47 29.02
C MET A 1 -12.66 -6.19 27.52
N PHE A 2 -12.40 -7.25 26.75
CA PHE A 2 -12.26 -7.16 25.30
C PHE A 2 -13.19 -8.18 24.66
N LEU A 3 -14.00 -7.73 23.70
CA LEU A 3 -14.86 -8.64 22.96
C LEU A 3 -14.29 -8.84 21.57
N PRO A 4 -13.75 -10.01 21.24
CA PRO A 4 -13.11 -10.19 19.92
C PRO A 4 -14.10 -9.98 18.79
N PRO A 5 -13.71 -9.24 17.75
CA PRO A 5 -14.54 -9.11 16.55
C PRO A 5 -14.81 -10.46 15.91
N PRO A 6 -15.81 -10.56 15.03
CA PRO A 6 -16.03 -11.81 14.31
C PRO A 6 -14.88 -12.13 13.38
N GLU A 7 -14.72 -13.44 13.11
CA GLU A 7 -13.64 -13.91 12.23
C GLU A 7 -13.89 -13.50 10.78
N CYS A 8 -12.80 -13.18 10.07
CA CYS A 8 -12.87 -12.87 8.65
C CYS A 8 -12.95 -14.17 7.84
N PRO A 9 -13.28 -14.07 6.55
CA PRO A 9 -13.38 -15.29 5.72
C PRO A 9 -12.03 -16.00 5.58
N VAL A 10 -12.08 -17.34 5.51
CA VAL A 10 -10.89 -18.17 5.29
C VAL A 10 -11.11 -19.04 4.07
N PHE A 11 -10.16 -19.02 3.13
CA PHE A 11 -10.25 -19.77 1.88
C PHE A 11 -9.19 -20.87 1.85
N GLU A 12 -9.57 -22.04 1.34
CA GLU A 12 -8.68 -23.20 1.16
C GLU A 12 -8.75 -23.65 -0.29
N PRO A 13 -8.10 -22.94 -1.21
CA PRO A 13 -8.21 -23.28 -2.63
C PRO A 13 -7.57 -24.61 -2.99
N SER A 14 -8.20 -25.31 -3.94
CA SER A 14 -7.58 -26.48 -4.56
C SER A 14 -6.38 -26.04 -5.38
N TRP A 15 -5.56 -27.00 -5.81
CA TRP A 15 -4.42 -26.60 -6.63
C TRP A 15 -4.88 -26.00 -7.95
N GLU A 16 -6.00 -26.48 -8.52
CA GLU A 16 -6.52 -25.86 -9.73
C GLU A 16 -6.87 -24.39 -9.49
N GLU A 17 -7.57 -24.10 -8.39
CA GLU A 17 -7.93 -22.71 -8.07
C GLU A 17 -6.70 -21.88 -7.71
N PHE A 18 -5.70 -22.51 -7.08
CA PHE A 18 -4.54 -21.79 -6.55
C PHE A 18 -3.58 -21.36 -7.65
N ALA A 19 -3.57 -22.07 -8.78
CA ALA A 19 -2.51 -21.93 -9.78
C ALA A 19 -2.39 -20.50 -10.31
N ASP A 20 -3.49 -19.75 -10.40
CA ASP A 20 -3.46 -18.38 -10.90
C ASP A 20 -3.94 -17.44 -9.80
N PRO A 21 -3.03 -16.73 -9.12
CA PRO A 21 -3.46 -15.86 -8.00
C PRO A 21 -4.44 -14.77 -8.42
N PHE A 22 -4.28 -14.19 -9.61
CA PHE A 22 -5.16 -13.08 -9.99
C PHE A 22 -6.58 -13.58 -10.28
N ALA A 23 -6.71 -14.74 -10.95
CA ALA A 23 -8.02 -15.35 -11.14
C ALA A 23 -8.67 -15.69 -9.81
N PHE A 24 -7.89 -16.21 -8.86
CA PHE A 24 -8.45 -16.57 -7.56
C PHE A 24 -8.92 -15.34 -6.78
N ILE A 25 -8.14 -14.26 -6.82
CA ILE A 25 -8.51 -13.04 -6.08
C ILE A 25 -9.78 -12.44 -6.67
N HIS A 26 -9.90 -12.45 -8.00
CA HIS A 26 -11.13 -11.99 -8.64
C HIS A 26 -12.33 -12.84 -8.20
N LYS A 27 -12.13 -14.15 -8.09
CA LYS A 27 -13.21 -15.06 -7.69
C LYS A 27 -13.73 -14.72 -6.29
N ILE A 28 -12.83 -14.55 -5.31
CA ILE A 28 -13.27 -14.34 -3.92
C ILE A 28 -13.68 -12.91 -3.62
N ARG A 29 -13.47 -11.98 -4.54
CA ARG A 29 -13.73 -10.56 -4.25
C ARG A 29 -15.14 -10.26 -3.76
N PRO A 30 -16.22 -10.83 -4.32
CA PRO A 30 -17.55 -10.49 -3.79
C PRO A 30 -17.71 -10.80 -2.31
N ILE A 31 -17.06 -11.85 -1.80
CA ILE A 31 -17.11 -12.16 -0.38
C ILE A 31 -16.17 -11.24 0.40
N ALA A 32 -14.90 -11.22 -0.02
CA ALA A 32 -13.85 -10.62 0.80
C ALA A 32 -13.89 -9.09 0.79
N GLU A 33 -14.43 -8.47 -0.26
CA GLU A 33 -14.48 -7.01 -0.22
C GLU A 33 -15.51 -6.50 0.79
N GLN A 34 -16.42 -7.37 1.27
CA GLN A 34 -17.34 -7.01 2.34
C GLN A 34 -16.70 -7.05 3.73
N THR A 35 -15.52 -7.64 3.86
CA THR A 35 -14.85 -7.73 5.16
C THR A 35 -13.50 -7.02 5.20
N GLY A 36 -13.02 -6.53 4.07
CA GLY A 36 -11.72 -5.83 4.04
C GLY A 36 -10.49 -6.70 3.99
N ILE A 37 -10.41 -7.72 4.86
CA ILE A 37 -9.31 -8.67 4.86
C ILE A 37 -9.87 -10.09 4.73
N CYS A 38 -9.00 -10.99 4.28
CA CYS A 38 -9.32 -12.42 4.26
C CYS A 38 -8.02 -13.21 4.38
N LYS A 39 -8.16 -14.50 4.71
CA LYS A 39 -7.02 -15.39 4.90
C LYS A 39 -7.09 -16.51 3.85
N VAL A 40 -5.93 -16.92 3.33
CA VAL A 40 -5.83 -17.96 2.30
C VAL A 40 -4.84 -19.01 2.77
N ARG A 41 -5.29 -20.28 2.85
CA ARG A 41 -4.43 -21.41 3.17
C ARG A 41 -4.04 -22.13 1.89
N PRO A 42 -2.78 -22.15 1.50
CA PRO A 42 -2.39 -22.80 0.25
C PRO A 42 -2.61 -24.31 0.34
N PRO A 43 -2.66 -24.98 -0.81
CA PRO A 43 -2.74 -26.45 -0.80
C PRO A 43 -1.62 -27.06 0.01
N PRO A 44 -1.84 -28.25 0.59
CA PRO A 44 -0.93 -28.75 1.64
C PRO A 44 0.51 -28.97 1.18
N ASP A 45 0.74 -29.31 -0.07
CA ASP A 45 2.10 -29.58 -0.54
C ASP A 45 2.76 -28.36 -1.18
N TRP A 46 2.10 -27.21 -1.23
CA TRP A 46 2.76 -25.95 -1.59
C TRP A 46 3.54 -25.50 -0.37
N GLN A 47 4.84 -25.79 -0.34
CA GLN A 47 5.69 -25.46 0.80
C GLN A 47 7.00 -24.91 0.28
N PRO A 48 7.11 -23.59 0.11
CA PRO A 48 8.37 -23.01 -0.34
C PRO A 48 9.43 -23.18 0.73
N PRO A 49 10.67 -23.46 0.34
CA PRO A 49 11.71 -23.73 1.35
C PRO A 49 12.18 -22.45 2.01
N PHE A 50 12.34 -22.50 3.33
CA PHE A 50 12.85 -21.38 4.12
C PHE A 50 14.21 -21.77 4.68
N ALA A 51 15.26 -21.05 4.27
CA ALA A 51 16.62 -21.35 4.71
C ALA A 51 17.43 -20.07 4.83
N CYS A 52 18.05 -19.86 6.00
CA CYS A 52 18.89 -18.68 6.22
C CYS A 52 19.90 -18.99 7.31
N ASP A 53 20.98 -18.21 7.34
CA ASP A 53 21.95 -18.23 8.43
C ASP A 53 21.58 -17.13 9.42
N VAL A 54 21.15 -17.52 10.63
CA VAL A 54 20.65 -16.51 11.58
C VAL A 54 21.76 -15.60 12.07
N ASP A 55 23.03 -15.97 11.89
CA ASP A 55 24.14 -15.14 12.35
C ASP A 55 24.63 -14.15 11.29
N LYS A 56 24.26 -14.32 10.02
CA LYS A 56 24.71 -13.42 8.98
C LYS A 56 23.63 -12.44 8.51
N LEU A 57 22.38 -12.65 8.90
CA LEU A 57 21.33 -11.69 8.61
C LEU A 57 21.28 -10.68 9.74
N HIS A 58 21.29 -9.39 9.40
CA HIS A 58 21.25 -8.39 10.46
C HIS A 58 20.50 -7.15 9.97
N PHE A 59 20.03 -6.34 10.93
CA PHE A 59 19.22 -5.17 10.61
C PHE A 59 19.24 -4.19 11.76
N THR A 60 18.88 -2.93 11.44
CA THR A 60 18.76 -1.87 12.43
C THR A 60 17.34 -1.85 13.00
N PRO A 61 17.16 -2.01 14.31
CA PRO A 61 15.80 -2.09 14.85
C PRO A 61 15.14 -0.73 15.04
N ARG A 62 13.83 -0.72 14.88
N ARG A 62 13.82 -0.72 14.91
CA ARG A 62 13.00 0.42 15.28
CA ARG A 62 13.02 0.43 15.28
C ARG A 62 12.41 0.16 16.65
C ARG A 62 12.35 0.17 16.62
N ILE A 63 12.09 1.24 17.37
CA ILE A 63 11.55 1.14 18.72
C ILE A 63 10.16 1.77 18.74
N GLN A 64 9.30 1.26 19.61
CA GLN A 64 7.89 1.62 19.59
C GLN A 64 7.32 1.65 21.00
N ARG A 65 6.66 2.76 21.37
CA ARG A 65 5.82 2.82 22.56
C ARG A 65 4.42 2.30 22.24
N LEU A 66 3.75 1.75 23.26
CA LEU A 66 2.46 1.07 23.10
C LEU A 66 1.37 1.80 23.90
N ASN A 67 0.90 2.94 23.39
CA ASN A 67 -0.14 3.74 24.05
C ASN A 67 -1.28 4.00 23.06
N GLU A 68 -2.50 3.63 23.44
CA GLU A 68 -3.64 3.85 22.56
C GLU A 68 -3.85 5.34 22.31
N LEU A 69 -4.16 5.67 21.05
CA LEU A 69 -4.45 7.01 20.53
C LEU A 69 -3.24 7.94 20.49
N GLU A 70 -2.05 7.47 20.87
CA GLU A 70 -0.84 8.26 20.76
C GLU A 70 -0.34 8.28 19.30
N ALA A 71 0.10 9.45 18.84
CA ALA A 71 0.60 9.55 17.47
C ALA A 71 1.91 8.80 17.30
N GLN A 72 2.00 8.04 16.20
CA GLN A 72 3.22 7.39 15.76
C GLN A 72 3.47 7.75 14.30
N THR A 73 4.73 7.75 13.89
CA THR A 73 5.10 8.00 12.50
C THR A 73 5.20 6.69 11.76
N ARG A 74 4.61 6.63 10.56
CA ARG A 74 4.57 5.36 9.82
C ARG A 74 5.95 4.95 9.33
N VAL A 75 6.70 5.89 8.75
CA VAL A 75 8.09 5.65 8.33
C VAL A 75 9.00 6.56 9.13
N LYS A 76 10.00 5.95 9.77
CA LYS A 76 10.94 6.71 10.61
C LYS A 76 11.96 7.46 9.76
N ALA A 82 19.36 2.72 16.48
CA ALA A 82 20.68 3.27 16.23
C ALA A 82 21.77 2.25 16.57
N ARG A 83 21.36 1.00 16.84
CA ARG A 83 22.29 -0.11 16.96
C ARG A 83 21.91 -1.21 15.98
N ASP A 84 22.20 -2.48 16.29
CA ASP A 84 22.04 -3.50 15.25
C ASP A 84 21.93 -4.89 15.86
N TYR A 85 20.95 -5.67 15.40
CA TYR A 85 20.73 -7.06 15.82
C TYR A 85 21.08 -8.01 14.69
N THR A 86 21.55 -9.22 15.02
CA THR A 86 21.42 -10.31 14.07
C THR A 86 20.04 -10.96 14.24
N LEU A 87 19.63 -11.74 13.24
CA LEU A 87 18.37 -12.49 13.41
C LEU A 87 18.44 -13.34 14.68
N ARG A 88 19.62 -13.91 15.00
CA ARG A 88 19.74 -14.68 16.23
C ARG A 88 19.61 -13.80 17.48
N THR A 89 20.33 -12.67 17.54
CA THR A 89 20.28 -11.92 18.80
C THR A 89 18.93 -11.21 18.98
N PHE A 90 18.25 -10.85 17.88
CA PHE A 90 16.89 -10.33 18.02
C PHE A 90 15.96 -11.40 18.56
N GLY A 91 16.06 -12.64 18.04
CA GLY A 91 15.22 -13.72 18.53
C GLY A 91 15.47 -14.05 20.00
N GLU A 92 16.74 -13.99 20.43
CA GLU A 92 17.04 -14.23 21.84
C GLU A 92 16.40 -13.16 22.73
N MET A 93 16.49 -11.89 22.32
CA MET A 93 15.85 -10.82 23.07
C MET A 93 14.33 -11.00 23.10
N ALA A 94 13.75 -11.31 21.93
CA ALA A 94 12.29 -11.40 21.80
C ALA A 94 11.72 -12.53 22.66
N ASP A 95 12.38 -13.69 22.66
CA ASP A 95 11.91 -14.84 23.42
C ASP A 95 12.01 -14.61 24.92
N ALA A 96 13.14 -14.05 25.37
CA ALA A 96 13.31 -13.71 26.78
C ALA A 96 12.29 -12.66 27.23
N PHE A 97 11.99 -11.70 26.36
CA PHE A 97 10.99 -10.68 26.70
C PHE A 97 9.64 -11.31 26.98
N LYS A 98 9.18 -12.19 26.10
CA LYS A 98 7.85 -12.76 26.23
C LYS A 98 7.78 -13.70 27.42
N SER A 99 8.78 -14.58 27.57
CA SER A 99 8.71 -15.53 28.68
C SER A 99 8.87 -14.83 30.02
N ASP A 100 9.61 -13.72 30.09
CA ASP A 100 9.67 -12.96 31.33
C ASP A 100 8.38 -12.20 31.60
N TYR A 101 7.72 -11.72 30.55
CA TYR A 101 6.50 -10.94 30.71
C TYR A 101 5.38 -11.76 31.31
N PHE A 102 5.27 -13.03 30.92
CA PHE A 102 4.22 -13.91 31.40
C PHE A 102 4.67 -14.94 32.43
N ASN A 103 5.98 -15.09 32.66
CA ASN A 103 6.54 -16.16 33.50
C ASN A 103 6.08 -17.55 33.05
N MET A 104 6.13 -17.78 31.73
CA MET A 104 5.71 -19.04 31.13
C MET A 104 6.62 -19.36 29.95
N PRO A 105 6.70 -20.64 29.56
CA PRO A 105 7.31 -20.94 28.24
C PRO A 105 6.47 -20.32 27.12
N VAL A 106 7.12 -20.01 26.01
CA VAL A 106 6.49 -19.12 25.03
C VAL A 106 5.34 -19.82 24.30
N HIS A 107 5.51 -21.07 23.90
CA HIS A 107 4.46 -21.79 23.16
C HIS A 107 3.38 -22.32 24.05
N MET A 108 3.37 -21.88 25.31
CA MET A 108 2.27 -22.16 26.20
C MET A 108 1.44 -20.93 26.51
N VAL A 109 1.80 -19.77 25.99
CA VAL A 109 0.94 -18.58 26.20
C VAL A 109 -0.18 -18.60 25.17
N PRO A 110 -1.44 -18.75 25.60
CA PRO A 110 -2.55 -18.82 24.64
C PRO A 110 -2.69 -17.52 23.85
N THR A 111 -3.06 -17.65 22.55
CA THR A 111 -3.19 -16.44 21.72
C THR A 111 -4.30 -15.53 22.22
N GLU A 112 -5.37 -16.11 22.79
CA GLU A 112 -6.44 -15.29 23.35
C GLU A 112 -5.94 -14.43 24.52
N LEU A 113 -5.01 -14.98 25.31
CA LEU A 113 -4.48 -14.23 26.44
C LEU A 113 -3.56 -13.11 25.97
N VAL A 114 -2.71 -13.38 24.97
CA VAL A 114 -1.87 -12.31 24.44
C VAL A 114 -2.73 -11.18 23.90
N GLU A 115 -3.83 -11.51 23.21
CA GLU A 115 -4.71 -10.48 22.64
C GLU A 115 -5.38 -9.66 23.74
N LYS A 116 -5.93 -10.34 24.75
CA LYS A 116 -6.55 -9.64 25.88
C LYS A 116 -5.55 -8.69 26.55
N GLU A 117 -4.32 -9.17 26.76
CA GLU A 117 -3.32 -8.40 27.49
C GLU A 117 -2.81 -7.21 26.67
N PHE A 118 -2.69 -7.37 25.34
CA PHE A 118 -2.33 -6.25 24.48
C PHE A 118 -3.32 -5.10 24.65
N TRP A 119 -4.62 -5.41 24.60
CA TRP A 119 -5.58 -4.32 24.70
C TRP A 119 -5.66 -3.74 26.12
N ARG A 120 -5.28 -4.50 27.14
CA ARG A 120 -5.15 -3.92 28.48
C ARG A 120 -3.97 -2.95 28.55
N LEU A 121 -2.79 -3.40 28.10
CA LEU A 121 -1.59 -2.59 28.32
C LEU A 121 -1.59 -1.29 27.51
N VAL A 122 -2.16 -1.29 26.30
CA VAL A 122 -2.15 -0.04 25.53
C VAL A 122 -3.12 0.99 26.12
N SER A 123 -4.07 0.56 26.95
CA SER A 123 -5.09 1.47 27.46
C SER A 123 -4.75 2.08 28.81
N THR A 124 -3.80 1.52 29.56
CA THR A 124 -3.51 1.99 30.91
C THR A 124 -2.28 2.90 30.90
N ILE A 125 -2.39 4.07 31.52
CA ILE A 125 -1.30 5.03 31.48
C ILE A 125 -0.12 4.56 32.32
N GLU A 126 -0.37 3.81 33.39
CA GLU A 126 0.69 3.39 34.28
C GLU A 126 1.69 2.42 33.63
N GLU A 127 1.33 1.77 32.54
CA GLU A 127 2.22 0.82 31.87
C GLU A 127 3.07 1.57 30.85
N ASP A 128 4.38 1.31 30.86
CA ASP A 128 5.32 1.96 29.96
C ASP A 128 6.10 0.94 29.14
N VAL A 129 5.39 0.05 28.44
CA VAL A 129 6.01 -1.05 27.70
C VAL A 129 6.53 -0.54 26.36
N THR A 130 7.79 -0.81 26.06
CA THR A 130 8.35 -0.51 24.75
C THR A 130 8.93 -1.78 24.14
N VAL A 131 8.82 -1.88 22.82
CA VAL A 131 9.25 -3.07 22.06
C VAL A 131 9.98 -2.62 20.80
N GLU A 132 10.63 -3.58 20.12
CA GLU A 132 11.41 -3.31 18.92
C GLU A 132 11.00 -4.25 17.78
N TYR A 133 11.34 -3.88 16.55
CA TYR A 133 10.99 -4.70 15.39
C TYR A 133 11.91 -4.34 14.24
N GLY A 134 11.88 -5.15 13.18
CA GLY A 134 12.56 -4.85 11.93
C GLY A 134 11.57 -4.65 10.80
N ALA A 135 11.87 -3.70 9.91
CA ALA A 135 11.02 -3.43 8.74
C ALA A 135 11.86 -2.76 7.66
N ASP A 136 11.96 -3.37 6.49
CA ASP A 136 12.71 -2.80 5.37
C ASP A 136 12.47 -3.62 4.10
N ILE A 137 12.83 -3.04 2.95
CA ILE A 137 12.82 -3.83 1.72
C ILE A 137 14.05 -4.72 1.68
N ALA A 138 14.04 -5.71 0.80
CA ALA A 138 15.15 -6.67 0.75
C ALA A 138 16.45 -5.96 0.39
N SER A 139 17.56 -6.48 0.95
CA SER A 139 18.89 -5.94 0.70
C SER A 139 19.90 -7.08 0.85
N LYS A 140 21.16 -6.76 0.55
CA LYS A 140 22.24 -7.74 0.70
C LYS A 140 22.43 -8.17 2.15
N GLU A 141 22.08 -7.30 3.10
CA GLU A 141 22.22 -7.66 4.51
C GLU A 141 21.06 -8.52 5.01
N PHE A 142 19.93 -8.50 4.31
CA PHE A 142 18.72 -9.22 4.73
C PHE A 142 17.82 -9.34 3.51
N GLY A 143 17.85 -10.50 2.83
CA GLY A 143 17.12 -10.67 1.58
C GLY A 143 15.73 -11.28 1.75
N SER A 144 15.06 -11.46 0.61
CA SER A 144 13.72 -12.05 0.57
C SER A 144 13.69 -13.44 1.21
N GLY A 145 12.54 -13.78 1.81
CA GLY A 145 12.31 -15.15 2.26
C GLY A 145 11.94 -16.15 1.17
N PHE A 146 11.56 -15.67 -0.04
CA PHE A 146 11.31 -16.56 -1.16
C PHE A 146 12.57 -16.75 -1.99
N PRO A 147 12.63 -17.82 -2.80
CA PRO A 147 13.78 -18.00 -3.70
C PRO A 147 13.86 -16.90 -4.76
N VAL A 148 15.09 -16.46 -5.03
CA VAL A 148 15.37 -15.50 -6.08
C VAL A 148 16.57 -16.00 -6.87
N ARG A 149 16.67 -15.55 -8.13
CA ARG A 149 17.71 -16.05 -9.03
C ARG A 149 19.10 -15.51 -8.66
N ILE A 153 24.40 -17.97 -5.75
CA ILE A 153 24.66 -19.36 -5.40
C ILE A 153 23.88 -20.30 -6.33
N LYS A 154 24.21 -21.58 -6.27
CA LYS A 154 23.45 -22.60 -7.01
C LYS A 154 22.23 -23.01 -6.21
N LEU A 155 21.06 -22.98 -6.85
CA LEU A 155 19.80 -23.29 -6.19
C LEU A 155 19.51 -24.78 -6.25
N SER A 156 18.79 -25.28 -5.23
CA SER A 156 18.30 -26.65 -5.23
C SER A 156 17.09 -26.78 -6.14
N PRO A 157 16.77 -28.01 -6.59
CA PRO A 157 15.52 -28.21 -7.34
C PRO A 157 14.29 -27.70 -6.61
N GLU A 158 14.22 -27.89 -5.29
CA GLU A 158 13.08 -27.39 -4.53
C GLU A 158 12.97 -25.86 -4.62
N GLU A 159 14.10 -25.15 -4.51
CA GLU A 159 14.08 -23.70 -4.65
C GLU A 159 13.75 -23.29 -6.07
N GLU A 160 14.24 -24.03 -7.06
CA GLU A 160 13.93 -23.71 -8.45
C GLU A 160 12.44 -23.88 -8.72
N GLU A 161 11.79 -24.82 -8.03
CA GLU A 161 10.37 -25.08 -8.22
C GLU A 161 9.51 -23.86 -7.88
N TYR A 162 9.99 -22.99 -6.99
CA TYR A 162 9.20 -21.86 -6.52
C TYR A 162 9.67 -20.52 -7.07
N LEU A 163 10.66 -20.52 -7.97
CA LEU A 163 11.20 -19.27 -8.49
C LEU A 163 10.15 -18.47 -9.24
N ASP A 164 9.31 -19.15 -10.02
CA ASP A 164 8.38 -18.47 -10.91
C ASP A 164 6.93 -18.63 -10.46
N SER A 165 6.71 -19.03 -9.21
CA SER A 165 5.35 -19.13 -8.70
C SER A 165 4.69 -17.77 -8.66
N GLY A 166 3.41 -17.73 -9.02
CA GLY A 166 2.66 -16.48 -8.85
C GLY A 166 2.52 -16.03 -7.41
N TRP A 167 2.66 -16.94 -6.45
CA TRP A 167 2.55 -16.58 -5.04
C TRP A 167 3.90 -16.31 -4.38
N ASN A 168 5.00 -16.47 -5.11
CA ASN A 168 6.28 -15.88 -4.72
C ASN A 168 6.15 -14.37 -4.87
N LEU A 169 6.14 -13.65 -3.74
CA LEU A 169 5.77 -12.24 -3.79
C LEU A 169 6.75 -11.36 -4.56
N ASN A 170 7.93 -11.87 -4.90
CA ASN A 170 8.80 -11.12 -5.82
C ASN A 170 8.23 -11.05 -7.22
N ASN A 171 7.44 -12.05 -7.62
CA ASN A 171 6.88 -12.11 -8.96
C ASN A 171 5.56 -11.38 -9.11
N MET A 172 4.74 -11.35 -8.04
CA MET A 172 3.41 -10.73 -8.07
C MET A 172 3.36 -9.40 -8.81
N PRO A 173 4.28 -8.45 -8.58
CA PRO A 173 4.16 -7.17 -9.32
C PRO A 173 4.35 -7.29 -10.82
N VAL A 174 5.19 -8.21 -11.28
CA VAL A 174 5.68 -8.15 -12.64
C VAL A 174 4.88 -9.08 -13.55
N MET A 175 3.80 -9.64 -13.02
CA MET A 175 2.99 -10.52 -13.87
C MET A 175 2.07 -9.72 -14.79
N GLU A 176 1.56 -10.39 -15.83
CA GLU A 176 0.80 -9.73 -16.90
C GLU A 176 -0.61 -9.26 -16.47
N GLN A 177 -1.00 -9.38 -15.20
CA GLN A 177 -2.30 -8.90 -14.74
C GLN A 177 -2.18 -7.80 -13.69
N SER A 178 -0.96 -7.44 -13.33
CA SER A 178 -0.68 -6.26 -12.51
C SER A 178 -0.52 -5.03 -13.41
N VAL A 179 -1.00 -3.88 -12.94
CA VAL A 179 -0.90 -2.64 -13.72
C VAL A 179 0.23 -1.77 -13.21
N LEU A 180 0.48 -1.79 -11.89
CA LEU A 180 1.73 -1.26 -11.35
C LEU A 180 2.95 -1.90 -12.00
N ALA A 181 2.74 -2.94 -12.80
CA ALA A 181 3.84 -3.71 -13.37
C ALA A 181 4.80 -2.83 -14.14
N HIS A 182 4.28 -1.96 -15.00
N HIS A 182 4.30 -1.91 -14.94
CA HIS A 182 5.08 -1.22 -15.98
CA HIS A 182 5.18 -1.24 -15.88
C HIS A 182 5.13 0.28 -15.71
C HIS A 182 5.11 0.27 -15.71
N ILE A 183 4.92 0.70 -14.47
CA ILE A 183 5.37 2.03 -14.08
C ILE A 183 6.87 2.06 -14.31
N THR A 184 7.34 2.98 -15.14
CA THR A 184 8.78 3.04 -15.40
C THR A 184 9.51 3.81 -14.33
N ALA A 185 8.86 4.81 -13.73
CA ALA A 185 9.39 5.45 -12.54
C ALA A 185 9.73 4.41 -11.48
N ASP A 186 10.96 4.46 -10.99
CA ASP A 186 11.36 3.58 -9.89
C ASP A 186 10.63 4.04 -8.63
N ILE A 187 9.65 3.25 -8.19
CA ILE A 187 8.94 3.50 -6.94
C ILE A 187 9.22 2.29 -6.05
N CYS A 188 10.27 2.39 -5.22
CA CYS A 188 10.71 1.26 -4.43
C CYS A 188 9.63 0.76 -3.48
N GLY A 189 8.67 1.61 -3.13
CA GLY A 189 7.67 1.26 -2.13
C GLY A 189 6.52 0.41 -2.64
N MET A 190 6.32 0.34 -3.95
CA MET A 190 5.09 -0.27 -4.48
C MET A 190 5.31 -1.43 -5.43
N LYS A 191 6.54 -1.74 -5.81
CA LYS A 191 6.82 -2.98 -6.51
C LYS A 191 7.70 -3.91 -5.70
N LEU A 192 8.31 -3.44 -4.61
CA LEU A 192 9.28 -4.22 -3.89
C LEU A 192 8.70 -4.69 -2.57
N PRO A 193 8.83 -5.97 -2.24
CA PRO A 193 8.30 -6.48 -0.96
C PRO A 193 9.04 -5.88 0.23
N TRP A 194 8.28 -5.72 1.33
CA TRP A 194 8.83 -5.39 2.64
C TRP A 194 8.97 -6.67 3.47
N LEU A 195 10.00 -6.68 4.32
CA LEU A 195 10.27 -7.76 5.28
C LEU A 195 10.03 -7.26 6.71
N TYR A 196 9.25 -8.02 7.49
CA TYR A 196 8.86 -7.63 8.85
C TYR A 196 9.33 -8.68 9.85
N VAL A 197 10.22 -8.29 10.77
CA VAL A 197 10.67 -9.17 11.85
C VAL A 197 9.99 -8.71 13.14
N GLY A 198 9.10 -9.56 13.68
CA GLY A 198 8.28 -9.21 14.81
C GLY A 198 8.69 -9.86 16.13
N MET A 199 8.25 -9.23 17.21
CA MET A 199 8.32 -9.74 18.57
C MET A 199 6.98 -9.48 19.25
N CYS A 200 6.75 -10.16 20.39
CA CYS A 200 5.49 -10.05 21.14
C CYS A 200 5.12 -8.58 21.39
N PHE A 201 3.91 -8.20 20.95
CA PHE A 201 3.25 -6.91 21.11
C PHE A 201 3.71 -5.85 20.09
N SER A 202 4.73 -6.10 19.25
CA SER A 202 5.00 -5.15 18.19
C SER A 202 3.77 -5.05 17.29
N SER A 203 3.42 -3.83 16.91
N SER A 203 3.43 -3.82 16.90
CA SER A 203 2.10 -3.61 16.34
CA SER A 203 2.08 -3.55 16.38
C SER A 203 2.14 -2.66 15.16
C SER A 203 2.11 -2.62 15.18
N PHE A 204 1.30 -2.93 14.17
CA PHE A 204 1.12 -2.03 13.03
C PHE A 204 -0.15 -1.23 13.24
N CYS A 205 -0.01 0.11 13.27
CA CYS A 205 -1.13 1.01 13.50
C CYS A 205 -2.10 1.01 12.32
N TRP A 206 -3.33 1.48 12.57
CA TRP A 206 -4.38 1.55 11.55
C TRP A 206 -3.91 2.34 10.32
N HIS A 207 -4.09 1.74 9.15
CA HIS A 207 -3.72 2.42 7.90
C HIS A 207 -4.42 1.76 6.72
N ILE A 208 -4.40 2.48 5.58
CA ILE A 208 -4.65 1.92 4.25
C ILE A 208 -3.38 2.08 3.40
N GLU A 209 -3.34 1.37 2.28
CA GLU A 209 -2.17 1.38 1.42
C GLU A 209 -2.15 2.62 0.50
N ASP A 210 -0.95 3.03 0.12
CA ASP A 210 -0.80 4.13 -0.83
C ASP A 210 -1.57 3.86 -2.12
N HIS A 211 -2.24 4.90 -2.63
CA HIS A 211 -3.08 4.84 -3.84
C HIS A 211 -4.18 3.78 -3.73
N TRP A 212 -4.58 3.43 -2.50
CA TRP A 212 -5.66 2.47 -2.21
C TRP A 212 -5.42 1.11 -2.88
N SER A 213 -4.17 0.68 -2.93
CA SER A 213 -3.85 -0.59 -3.59
C SER A 213 -4.27 -1.80 -2.74
N TYR A 214 -4.29 -2.98 -3.36
CA TYR A 214 -4.31 -4.24 -2.60
C TYR A 214 -2.98 -4.43 -1.86
N SER A 215 -2.99 -5.32 -0.85
CA SER A 215 -1.73 -5.88 -0.37
C SER A 215 -1.90 -7.37 -0.06
N ILE A 216 -0.79 -8.10 -0.09
CA ILE A 216 -0.76 -9.52 0.25
C ILE A 216 0.45 -9.79 1.14
N ASN A 217 0.26 -10.59 2.21
CA ASN A 217 1.25 -10.77 3.27
C ASN A 217 1.39 -12.27 3.52
N TYR A 218 2.62 -12.77 3.55
CA TYR A 218 2.91 -14.18 3.80
C TYR A 218 3.74 -14.32 5.08
N LEU A 219 3.30 -15.17 6.01
CA LEU A 219 4.07 -15.42 7.24
C LEU A 219 4.97 -16.62 7.00
N HIS A 220 6.28 -16.37 6.85
CA HIS A 220 7.23 -17.45 6.53
C HIS A 220 7.37 -18.45 7.68
N TRP A 221 7.51 -17.94 8.90
CA TRP A 221 7.66 -18.80 10.08
C TRP A 221 7.43 -17.99 11.36
N GLY A 222 7.30 -18.72 12.47
CA GLY A 222 7.23 -18.11 13.79
C GLY A 222 5.83 -18.12 14.37
N GLU A 223 5.66 -17.35 15.46
CA GLU A 223 4.37 -17.30 16.12
C GLU A 223 3.39 -16.41 15.34
N PRO A 224 2.10 -16.51 15.63
CA PRO A 224 1.09 -15.91 14.73
C PRO A 224 1.12 -14.39 14.72
N LYS A 225 0.47 -13.84 13.69
CA LYS A 225 0.23 -12.41 13.52
C LYS A 225 -1.28 -12.19 13.62
N THR A 226 -1.72 -11.34 14.57
CA THR A 226 -3.14 -11.07 14.77
C THR A 226 -3.54 -9.82 13.99
N TRP A 227 -4.63 -9.90 13.20
CA TRP A 227 -5.11 -8.82 12.35
C TRP A 227 -6.51 -8.34 12.72
N TYR A 228 -6.76 -7.04 12.47
CA TYR A 228 -8.10 -6.46 12.43
C TYR A 228 -8.31 -5.73 11.09
N GLY A 229 -9.47 -5.90 10.48
CA GLY A 229 -9.74 -5.29 9.18
C GLY A 229 -11.14 -4.72 9.07
N VAL A 230 -11.28 -3.71 8.21
CA VAL A 230 -12.52 -2.97 7.96
C VAL A 230 -12.76 -2.91 6.46
N PRO A 231 -13.98 -3.17 5.97
CA PRO A 231 -14.22 -3.11 4.52
C PRO A 231 -14.04 -1.71 3.95
N GLY A 232 -13.71 -1.67 2.65
CA GLY A 232 -13.50 -0.39 1.99
C GLY A 232 -14.68 0.55 2.07
N TYR A 233 -15.90 0.01 2.08
CA TYR A 233 -17.07 0.89 2.09
C TYR A 233 -17.22 1.69 3.37
N ALA A 234 -16.55 1.29 4.46
CA ALA A 234 -16.65 1.95 5.75
C ALA A 234 -15.43 2.82 6.07
N ALA A 235 -14.56 3.08 5.09
CA ALA A 235 -13.34 3.87 5.33
C ALA A 235 -13.63 5.23 5.95
N GLU A 236 -14.55 6.00 5.35
CA GLU A 236 -14.79 7.36 5.86
C GLU A 236 -15.51 7.32 7.20
N GLN A 237 -16.32 6.29 7.44
CA GLN A 237 -16.93 6.12 8.76
C GLN A 237 -15.86 5.93 9.84
N LEU A 238 -14.85 5.09 9.56
CA LEU A 238 -13.75 4.91 10.50
C LEU A 238 -12.98 6.21 10.70
N GLU A 239 -12.72 6.96 9.62
CA GLU A 239 -11.94 8.18 9.74
C GLU A 239 -12.67 9.22 10.60
N ASN A 240 -14.00 9.29 10.48
CA ASN A 240 -14.77 10.23 11.31
C ASN A 240 -14.67 9.88 12.79
N VAL A 241 -14.65 8.59 13.13
CA VAL A 241 -14.49 8.19 14.52
C VAL A 241 -13.12 8.58 15.04
N MET A 242 -12.08 8.38 14.22
CA MET A 242 -10.72 8.69 14.68
C MET A 242 -10.51 10.20 14.79
N LYS A 243 -11.09 10.98 13.88
CA LYS A 243 -10.98 12.43 13.96
C LYS A 243 -11.60 12.95 15.26
N LYS A 244 -12.72 12.36 15.68
CA LYS A 244 -13.38 12.80 16.90
C LYS A 244 -12.56 12.47 18.14
N LEU A 245 -11.86 11.34 18.14
CA LEU A 245 -11.14 10.89 19.32
C LEU A 245 -9.67 11.27 19.32
N ALA A 246 -9.05 11.49 18.16
CA ALA A 246 -7.63 11.80 18.06
C ALA A 246 -7.41 12.84 16.96
N PRO A 247 -7.85 14.09 17.19
CA PRO A 247 -7.73 15.10 16.14
C PRO A 247 -6.30 15.45 15.78
N GLU A 248 -5.34 15.23 16.68
CA GLU A 248 -3.94 15.56 16.41
C GLU A 248 -3.42 14.81 15.18
N LEU A 249 -3.99 13.65 14.86
CA LEU A 249 -3.51 12.86 13.73
C LEU A 249 -3.90 13.43 12.38
N PHE A 250 -4.84 14.37 12.33
CA PHE A 250 -5.44 14.80 11.07
C PHE A 250 -4.93 16.16 10.61
N VAL A 251 -3.96 16.75 11.32
CA VAL A 251 -3.36 18.00 10.85
C VAL A 251 -2.58 17.72 9.56
N SER A 252 -2.46 18.74 8.71
CA SER A 252 -1.81 18.58 7.42
C SER A 252 -0.34 18.23 7.61
N GLN A 253 0.15 17.29 6.79
CA GLN A 253 1.51 16.77 6.92
C GLN A 253 2.45 17.41 5.90
N PRO A 254 3.68 17.72 6.31
CA PRO A 254 4.61 18.42 5.41
C PRO A 254 5.18 17.51 4.32
N ASP A 255 5.47 16.26 4.65
CA ASP A 255 6.06 15.31 3.70
C ASP A 255 5.28 14.00 3.76
N LEU A 256 5.57 13.13 2.80
CA LEU A 256 5.10 11.75 2.88
C LEU A 256 5.83 10.97 3.96
N LEU A 257 6.92 11.49 4.50
CA LEU A 257 7.64 10.91 5.62
C LEU A 257 7.12 11.39 6.96
N HIS A 258 6.01 12.13 6.98
CA HIS A 258 5.44 12.65 8.22
C HIS A 258 3.97 12.28 8.33
N GLN A 259 3.63 11.04 7.98
CA GLN A 259 2.27 10.53 8.12
C GLN A 259 2.08 9.97 9.53
N LEU A 260 1.01 10.41 10.20
CA LEU A 260 0.73 10.01 11.58
C LEU A 260 -0.32 8.91 11.61
N VAL A 261 -0.09 7.89 12.46
CA VAL A 261 -0.98 6.74 12.60
C VAL A 261 -1.09 6.39 14.09
N THR A 262 -2.05 5.52 14.45
CA THR A 262 -2.25 5.23 15.87
C THR A 262 -2.85 3.85 16.11
N ILE A 263 -2.72 3.41 17.37
CA ILE A 263 -3.37 2.21 17.90
C ILE A 263 -4.77 2.60 18.37
N MET A 264 -5.79 1.80 18.02
CA MET A 264 -7.13 2.05 18.54
C MET A 264 -7.90 0.74 18.67
N ASN A 265 -8.50 0.54 19.85
CA ASN A 265 -9.22 -0.70 20.16
C ASN A 265 -10.35 -0.92 19.16
N PRO A 266 -10.44 -2.07 18.50
CA PRO A 266 -11.56 -2.30 17.57
C PRO A 266 -12.94 -2.26 18.25
N ASN A 267 -13.04 -2.54 19.56
CA ASN A 267 -14.34 -2.38 20.24
C ASN A 267 -14.84 -0.94 20.19
N THR A 268 -13.93 0.03 20.13
CA THR A 268 -14.34 1.42 19.99
C THR A 268 -14.99 1.65 18.63
N LEU A 269 -14.41 1.08 17.57
CA LEU A 269 -15.03 1.20 16.26
C LEU A 269 -16.39 0.50 16.22
N MET A 270 -16.48 -0.70 16.80
CA MET A 270 -17.74 -1.45 16.79
C MET A 270 -18.82 -0.73 17.59
N THR A 271 -18.46 -0.05 18.67
CA THR A 271 -19.43 0.75 19.41
C THR A 271 -20.02 1.85 18.54
N HIS A 272 -19.25 2.35 17.58
CA HIS A 272 -19.70 3.42 16.70
C HIS A 272 -20.21 2.90 15.35
N GLU A 273 -20.62 1.63 15.30
CA GLU A 273 -21.26 1.01 14.13
C GLU A 273 -20.30 0.83 12.95
N VAL A 274 -19.00 0.74 13.19
CA VAL A 274 -18.05 0.41 12.13
C VAL A 274 -17.82 -1.11 12.13
N PRO A 275 -18.02 -1.80 11.01
CA PRO A 275 -17.77 -3.26 10.98
C PRO A 275 -16.28 -3.57 11.00
N VAL A 276 -15.89 -4.50 11.88
CA VAL A 276 -14.51 -4.93 12.07
C VAL A 276 -14.46 -6.45 12.12
N TYR A 277 -13.46 -7.04 11.46
CA TYR A 277 -13.21 -8.48 11.46
C TYR A 277 -11.78 -8.77 11.93
N ARG A 278 -11.55 -9.99 12.45
CA ARG A 278 -10.24 -10.38 12.98
C ARG A 278 -9.78 -11.70 12.35
N THR A 279 -8.48 -11.96 12.49
CA THR A 279 -7.95 -13.31 12.24
C THR A 279 -6.57 -13.44 12.90
N ASN A 280 -6.21 -14.70 13.23
CA ASN A 280 -4.82 -15.07 13.55
C ASN A 280 -4.20 -15.73 12.32
N GLN A 281 -3.20 -15.08 11.72
CA GLN A 281 -2.44 -15.64 10.61
C GLN A 281 -1.29 -16.50 11.16
N CYS A 282 -1.27 -17.78 10.81
CA CYS A 282 -0.20 -18.69 11.23
C CYS A 282 0.84 -18.86 10.13
N ALA A 283 1.99 -19.43 10.51
CA ALA A 283 3.05 -19.64 9.54
C ALA A 283 2.56 -20.49 8.37
N GLY A 284 2.91 -20.08 7.15
CA GLY A 284 2.46 -20.74 5.94
C GLY A 284 1.15 -20.24 5.36
N GLU A 285 0.55 -19.20 5.94
CA GLU A 285 -0.73 -18.65 5.49
C GLU A 285 -0.56 -17.23 4.94
N PHE A 286 -1.44 -16.85 4.00
CA PHE A 286 -1.49 -15.51 3.42
C PHE A 286 -2.67 -14.74 4.00
N VAL A 287 -2.50 -13.41 4.12
CA VAL A 287 -3.60 -12.49 4.35
C VAL A 287 -3.62 -11.50 3.19
N ILE A 288 -4.82 -11.21 2.65
CA ILE A 288 -5.00 -10.26 1.55
C ILE A 288 -5.87 -9.10 2.04
N THR A 289 -5.44 -7.86 1.79
CA THR A 289 -6.26 -6.68 2.08
C THR A 289 -6.74 -6.04 0.77
N PHE A 290 -7.98 -5.56 0.77
CA PHE A 290 -8.61 -5.03 -0.43
C PHE A 290 -8.51 -3.51 -0.50
N PRO A 291 -8.78 -2.91 -1.66
CA PRO A 291 -8.61 -1.44 -1.79
C PRO A 291 -9.39 -0.62 -0.74
N ARG A 292 -8.68 0.31 -0.10
N ARG A 292 -8.69 0.33 -0.12
CA ARG A 292 -9.26 1.23 0.89
CA ARG A 292 -9.20 1.25 0.91
C ARG A 292 -9.81 0.47 2.11
C ARG A 292 -9.65 0.54 2.19
N ALA A 293 -9.27 -0.72 2.39
CA ALA A 293 -9.62 -1.47 3.60
C ALA A 293 -8.63 -1.14 4.72
N TYR A 294 -9.10 -0.49 5.77
CA TYR A 294 -8.24 -0.20 6.93
C TYR A 294 -7.85 -1.48 7.66
N HIS A 295 -6.61 -1.54 8.15
CA HIS A 295 -6.19 -2.71 8.92
C HIS A 295 -5.14 -2.32 9.95
N SER A 296 -5.05 -3.13 11.01
CA SER A 296 -4.10 -2.97 12.11
C SER A 296 -3.86 -4.35 12.74
N GLY A 297 -2.91 -4.42 13.66
CA GLY A 297 -2.69 -5.70 14.34
C GLY A 297 -1.39 -5.72 15.13
N PHE A 298 -1.01 -6.92 15.58
CA PHE A 298 0.18 -7.07 16.40
C PHE A 298 0.70 -8.50 16.27
N ASN A 299 1.98 -8.66 16.58
CA ASN A 299 2.64 -9.96 16.54
C ASN A 299 2.56 -10.66 17.89
N GLN A 300 2.28 -11.98 17.86
CA GLN A 300 2.17 -12.75 19.11
C GLN A 300 3.53 -13.14 19.69
N GLY A 301 4.59 -13.09 18.88
CA GLY A 301 5.92 -13.45 19.34
C GLY A 301 6.90 -13.27 18.20
N PHE A 302 8.08 -13.90 18.34
CA PHE A 302 9.13 -13.82 17.32
C PHE A 302 8.64 -14.45 16.00
N ASN A 303 8.66 -13.67 14.92
CA ASN A 303 8.18 -14.17 13.62
C ASN A 303 8.79 -13.36 12.46
N PHE A 304 8.51 -13.80 11.22
CA PHE A 304 9.10 -13.23 10.02
C PHE A 304 8.09 -13.28 8.88
N ALA A 305 7.71 -12.10 8.35
CA ALA A 305 6.68 -11.98 7.32
C ALA A 305 7.23 -11.18 6.15
N GLU A 306 6.56 -11.30 4.99
CA GLU A 306 6.94 -10.61 3.76
C GLU A 306 5.66 -10.17 3.03
N ALA A 307 5.63 -8.93 2.53
CA ALA A 307 4.38 -8.35 2.05
C ALA A 307 4.65 -7.43 0.85
N VAL A 308 3.68 -7.34 -0.07
CA VAL A 308 3.84 -6.47 -1.25
C VAL A 308 2.49 -5.88 -1.64
N ASN A 309 2.52 -4.67 -2.18
CA ASN A 309 1.33 -4.04 -2.75
C ASN A 309 1.13 -4.52 -4.18
N PHE A 310 -0.12 -4.46 -4.66
CA PHE A 310 -0.38 -4.76 -6.06
C PHE A 310 -1.71 -4.17 -6.51
N CYS A 311 -1.86 -4.03 -7.83
CA CYS A 311 -3.03 -3.40 -8.43
C CYS A 311 -3.53 -4.24 -9.60
N THR A 312 -4.79 -4.68 -9.52
CA THR A 312 -5.44 -5.41 -10.61
C THR A 312 -6.28 -4.46 -11.46
N VAL A 313 -6.91 -5.02 -12.51
CA VAL A 313 -7.79 -4.21 -13.36
C VAL A 313 -9.02 -3.75 -12.60
N ASP A 314 -9.49 -4.53 -11.63
CA ASP A 314 -10.59 -4.07 -10.77
C ASP A 314 -10.25 -2.74 -10.10
N TRP A 315 -8.98 -2.56 -9.74
CA TRP A 315 -8.57 -1.40 -8.96
C TRP A 315 -8.53 -0.10 -9.77
N LEU A 316 -8.38 -0.17 -11.10
CA LEU A 316 -8.10 1.02 -11.90
C LEU A 316 -9.04 2.21 -11.62
N PRO A 317 -10.37 2.07 -11.67
CA PRO A 317 -11.20 3.24 -11.34
C PRO A 317 -11.01 3.74 -9.91
N LEU A 318 -10.72 2.85 -8.96
CA LEU A 318 -10.46 3.30 -7.58
C LEU A 318 -9.17 4.10 -7.49
N GLY A 319 -8.16 3.71 -8.27
CA GLY A 319 -6.93 4.50 -8.32
C GLY A 319 -7.17 5.93 -8.76
N ARG A 320 -8.02 6.13 -9.77
CA ARG A 320 -8.32 7.50 -10.21
C ARG A 320 -9.08 8.26 -9.12
N GLN A 321 -10.05 7.61 -8.47
CA GLN A 321 -10.77 8.22 -7.37
C GLN A 321 -9.82 8.60 -6.22
N CYS A 322 -8.81 7.77 -5.94
CA CYS A 322 -7.89 8.05 -4.85
C CYS A 322 -7.11 9.35 -5.10
N VAL A 323 -6.62 9.53 -6.32
CA VAL A 323 -5.83 10.72 -6.63
C VAL A 323 -6.69 11.97 -6.53
N GLU A 324 -7.97 11.87 -6.90
CA GLU A 324 -8.88 12.98 -6.68
C GLU A 324 -9.03 13.27 -5.18
N HIS A 325 -9.18 12.21 -4.38
CA HIS A 325 -9.27 12.37 -2.93
C HIS A 325 -8.00 12.99 -2.36
N TYR A 326 -6.82 12.57 -2.85
CA TYR A 326 -5.57 13.18 -2.40
C TYR A 326 -5.55 14.68 -2.72
N ARG A 327 -6.09 15.07 -3.88
CA ARG A 327 -6.12 16.49 -4.25
C ARG A 327 -6.95 17.31 -3.27
N LEU A 328 -8.13 16.80 -2.92
CA LEU A 328 -8.97 17.50 -1.94
C LEU A 328 -8.25 17.71 -0.62
N LEU A 329 -7.38 16.78 -0.21
CA LEU A 329 -6.70 16.83 1.07
C LEU A 329 -5.32 17.48 1.02
N HIS A 330 -4.82 17.82 -0.18
CA HIS A 330 -3.46 18.35 -0.36
C HIS A 330 -2.40 17.34 0.08
N ARG A 331 -2.64 16.06 -0.21
CA ARG A 331 -1.72 14.98 0.13
C ARG A 331 -0.83 14.63 -1.07
N TYR A 332 0.43 14.34 -0.82
CA TYR A 332 1.36 13.98 -1.90
C TYR A 332 1.03 12.61 -2.50
N CYS A 333 1.35 12.46 -3.80
CA CYS A 333 1.21 11.21 -4.55
C CYS A 333 2.53 10.46 -4.59
N VAL A 334 2.43 9.13 -4.65
CA VAL A 334 3.63 8.32 -4.87
C VAL A 334 4.02 8.29 -6.34
N PHE A 335 3.03 8.24 -7.24
CA PHE A 335 3.26 8.28 -8.68
C PHE A 335 2.09 9.01 -9.34
N SER A 336 2.24 9.31 -10.64
CA SER A 336 1.16 9.89 -11.43
C SER A 336 0.31 8.78 -12.03
N HIS A 337 -0.97 8.75 -11.67
CA HIS A 337 -1.90 7.77 -12.23
C HIS A 337 -2.05 7.96 -13.74
N ASP A 338 -2.22 9.20 -14.19
CA ASP A 338 -2.36 9.44 -15.63
C ASP A 338 -1.09 9.04 -16.40
N GLU A 339 0.09 9.25 -15.81
CA GLU A 339 1.32 8.82 -16.47
C GLU A 339 1.33 7.31 -16.66
N MET A 340 0.84 6.56 -15.66
CA MET A 340 0.80 5.10 -15.77
C MET A 340 -0.16 4.66 -16.89
N ILE A 341 -1.34 5.28 -16.97
CA ILE A 341 -2.31 4.98 -18.03
C ILE A 341 -1.69 5.22 -19.41
N CYS A 342 -1.03 6.37 -19.60
CA CYS A 342 -0.48 6.70 -20.91
C CYS A 342 0.69 5.79 -21.26
N LYS A 343 1.48 5.37 -20.26
CA LYS A 343 2.55 4.42 -20.52
C LYS A 343 1.98 3.10 -21.05
N MET A 344 0.92 2.60 -20.42
CA MET A 344 0.30 1.36 -20.88
C MET A 344 -0.27 1.51 -22.28
N ALA A 345 -0.91 2.65 -22.57
CA ALA A 345 -1.43 2.88 -23.92
C ALA A 345 -0.31 2.87 -24.96
N SER A 346 0.86 3.40 -24.62
CA SER A 346 1.98 3.38 -25.56
C SER A 346 2.56 1.99 -25.76
N LYS A 347 2.17 1.02 -24.93
CA LYS A 347 2.57 -0.38 -25.08
C LYS A 347 1.38 -1.29 -25.38
N ALA A 348 0.35 -0.77 -26.06
CA ALA A 348 -0.91 -1.51 -26.19
C ALA A 348 -0.71 -2.87 -26.86
N ASP A 349 0.23 -2.97 -27.81
CA ASP A 349 0.39 -4.22 -28.54
C ASP A 349 0.88 -5.39 -27.67
N VAL A 350 1.43 -5.14 -26.47
CA VAL A 350 1.91 -6.23 -25.64
C VAL A 350 1.07 -6.43 -24.39
N LEU A 351 -0.02 -5.69 -24.22
CA LEU A 351 -0.84 -5.84 -23.04
C LEU A 351 -1.71 -7.08 -23.14
N ASP A 352 -1.98 -7.68 -21.97
CA ASP A 352 -3.09 -8.60 -21.84
C ASP A 352 -4.37 -7.95 -22.37
N VAL A 353 -5.19 -8.73 -23.08
CA VAL A 353 -6.35 -8.13 -23.76
C VAL A 353 -7.38 -7.62 -22.76
N VAL A 354 -7.54 -8.29 -21.61
CA VAL A 354 -8.46 -7.81 -20.58
C VAL A 354 -7.92 -6.53 -19.96
N VAL A 355 -6.61 -6.47 -19.74
CA VAL A 355 -5.99 -5.24 -19.25
C VAL A 355 -6.23 -4.10 -20.25
N ALA A 356 -6.04 -4.38 -21.55
CA ALA A 356 -6.21 -3.33 -22.55
C ALA A 356 -7.63 -2.77 -22.52
N SER A 357 -8.63 -3.65 -22.39
CA SER A 357 -10.03 -3.22 -22.35
C SER A 357 -10.31 -2.30 -21.17
N THR A 358 -9.76 -2.63 -19.99
CA THR A 358 -9.99 -1.84 -18.78
C THR A 358 -9.22 -0.52 -18.83
N VAL A 359 -7.99 -0.53 -19.32
CA VAL A 359 -7.24 0.73 -19.45
C VAL A 359 -7.95 1.66 -20.43
N GLN A 360 -8.53 1.11 -21.50
CA GLN A 360 -9.25 1.95 -22.47
C GLN A 360 -10.38 2.73 -21.79
N LYS A 361 -11.13 2.08 -20.90
CA LYS A 361 -12.26 2.74 -20.24
C LYS A 361 -11.81 3.88 -19.34
N ASP A 362 -10.73 3.68 -18.59
CA ASP A 362 -10.19 4.75 -17.74
C ASP A 362 -9.63 5.88 -18.60
N MET A 363 -8.96 5.54 -19.71
CA MET A 363 -8.44 6.57 -20.59
C MET A 363 -9.55 7.45 -21.16
N ALA A 364 -10.71 6.86 -21.47
CA ALA A 364 -11.80 7.67 -21.99
C ALA A 364 -12.27 8.70 -20.97
N ILE A 365 -12.35 8.31 -19.69
CA ILE A 365 -12.72 9.27 -18.64
C ILE A 365 -11.66 10.37 -18.52
N MET A 366 -10.38 9.97 -18.49
CA MET A 366 -9.28 10.92 -18.40
C MET A 366 -9.35 11.96 -19.53
N ILE A 367 -9.62 11.52 -20.76
CA ILE A 367 -9.58 12.44 -21.89
C ILE A 367 -10.73 13.43 -21.82
N GLU A 368 -11.92 12.96 -21.44
CA GLU A 368 -13.05 13.87 -21.32
C GLU A 368 -12.87 14.85 -20.17
N ASP A 369 -12.30 14.41 -19.04
CA ASP A 369 -12.00 15.33 -17.95
C ASP A 369 -10.98 16.38 -18.39
N GLU A 370 -9.96 15.97 -19.16
CA GLU A 370 -8.91 16.90 -19.54
C GLU A 370 -9.42 17.92 -20.56
N LYS A 371 -10.32 17.49 -21.45
CA LYS A 371 -10.92 18.41 -22.40
C LYS A 371 -11.66 19.54 -21.70
N ALA A 372 -12.44 19.19 -20.66
CA ALA A 372 -13.23 20.19 -19.93
C ALA A 372 -12.33 21.14 -19.13
N LEU A 373 -11.28 20.63 -18.51
CA LEU A 373 -10.36 21.49 -17.76
C LEU A 373 -9.62 22.46 -18.68
N ARG A 374 -9.20 22.00 -19.86
CA ARG A 374 -8.51 22.92 -20.77
C ARG A 374 -9.46 24.01 -21.29
N GLU A 375 -10.73 23.68 -21.48
CA GLU A 375 -11.68 24.73 -21.90
C GLU A 375 -11.88 25.77 -20.80
N THR A 376 -11.94 25.33 -19.55
CA THR A 376 -12.09 26.25 -18.42
C THR A 376 -10.90 27.20 -18.30
N VAL A 377 -9.67 26.69 -18.41
CA VAL A 377 -8.53 27.59 -18.24
C VAL A 377 -8.38 28.53 -19.44
N ARG A 378 -8.79 28.10 -20.65
CA ARG A 378 -8.80 29.05 -21.77
C ARG A 378 -9.77 30.20 -21.51
N LYS A 379 -10.91 29.92 -20.86
CA LYS A 379 -11.88 30.98 -20.59
C LYS A 379 -11.39 31.92 -19.49
N LEU A 380 -10.40 31.50 -18.71
CA LEU A 380 -9.80 32.38 -17.72
C LEU A 380 -8.73 33.29 -18.30
N GLY A 381 -8.38 33.13 -19.58
CA GLY A 381 -7.45 34.03 -20.23
C GLY A 381 -6.05 33.49 -20.49
N VAL A 382 -5.81 32.21 -20.19
CA VAL A 382 -4.55 31.55 -20.56
C VAL A 382 -4.58 31.19 -22.04
N ILE A 383 -3.70 31.82 -22.83
CA ILE A 383 -3.70 31.69 -24.29
C ILE A 383 -2.47 30.95 -24.81
N ASP A 384 -1.27 31.34 -24.36
CA ASP A 384 -0.04 30.67 -24.80
C ASP A 384 0.02 29.23 -24.30
N SER A 385 0.70 28.37 -25.07
CA SER A 385 0.88 26.97 -24.67
C SER A 385 2.17 26.42 -25.27
N GLU A 386 2.68 25.34 -24.66
CA GLU A 386 3.84 24.62 -25.18
C GLU A 386 3.85 23.18 -24.65
N ARG A 387 4.25 22.24 -25.50
CA ARG A 387 4.40 20.85 -25.06
C ARG A 387 5.51 20.74 -24.01
N MET A 388 5.32 19.84 -23.05
CA MET A 388 6.31 19.66 -21.98
C MET A 388 6.34 18.21 -21.55
N ASP A 389 7.55 17.58 -21.60
CA ASP A 389 7.70 16.17 -21.20
C ASP A 389 7.79 16.04 -19.68
N PHE A 390 6.62 16.04 -19.02
CA PHE A 390 6.56 16.00 -17.56
C PHE A 390 7.29 14.80 -16.98
N GLU A 391 7.34 13.67 -17.70
CA GLU A 391 7.93 12.47 -17.11
C GLU A 391 9.44 12.62 -16.86
N LEU A 392 10.09 13.62 -17.48
CA LEU A 392 11.52 13.83 -17.28
C LEU A 392 11.85 14.61 -16.00
N LEU A 393 10.89 15.32 -15.43
CA LEU A 393 11.13 16.09 -14.22
C LEU A 393 11.14 15.18 -13.00
N PRO A 394 12.05 15.42 -12.06
CA PRO A 394 11.90 14.81 -10.73
C PRO A 394 10.55 15.18 -10.13
N ASP A 395 10.01 14.26 -9.32
CA ASP A 395 8.67 14.43 -8.78
C ASP A 395 8.51 15.75 -8.04
N ASP A 396 9.47 16.06 -7.16
CA ASP A 396 9.38 17.29 -6.36
C ASP A 396 9.51 18.55 -7.20
N GLU A 397 9.74 18.43 -8.51
CA GLU A 397 9.71 19.58 -9.41
C GLU A 397 8.44 19.66 -10.24
N ARG A 398 7.47 18.77 -10.03
CA ARG A 398 6.24 18.91 -10.81
C ARG A 398 5.00 18.72 -9.93
N GLN A 399 5.04 19.20 -8.69
CA GLN A 399 3.88 19.17 -7.81
C GLN A 399 3.14 20.50 -7.84
N CYS A 400 1.79 20.44 -7.85
CA CYS A 400 0.99 21.66 -7.77
C CYS A 400 1.28 22.42 -6.47
N VAL A 401 1.59 23.72 -6.61
CA VAL A 401 1.89 24.56 -5.45
C VAL A 401 0.78 24.50 -4.39
N LYS A 402 -0.48 24.38 -4.83
CA LYS A 402 -1.62 24.42 -3.91
C LYS A 402 -1.94 23.04 -3.33
N CYS A 403 -2.20 22.05 -4.18
CA CYS A 403 -2.75 20.78 -3.72
C CYS A 403 -1.73 19.64 -3.70
N LYS A 404 -0.50 19.89 -4.17
CA LYS A 404 0.63 18.95 -4.16
C LYS A 404 0.49 17.78 -5.12
N THR A 405 -0.51 17.77 -6.00
CA THR A 405 -0.66 16.65 -6.93
C THR A 405 0.53 16.60 -7.90
N THR A 406 0.88 15.38 -8.32
CA THR A 406 1.94 15.22 -9.31
C THR A 406 1.37 15.44 -10.70
N CYS A 407 1.86 16.48 -11.38
CA CYS A 407 1.35 16.82 -12.70
C CYS A 407 1.89 15.89 -13.80
N PHE A 408 1.05 15.64 -14.81
CA PHE A 408 1.50 14.91 -16.00
C PHE A 408 0.73 15.32 -17.26
N MET A 409 -0.60 15.30 -17.23
CA MET A 409 -1.34 15.69 -18.45
C MET A 409 -1.12 17.17 -18.79
N SER A 410 -1.13 18.05 -17.79
CA SER A 410 -0.96 19.49 -18.03
C SER A 410 -0.74 20.24 -16.72
N ALA A 411 -0.24 21.47 -16.86
CA ALA A 411 -0.05 22.38 -15.73
C ALA A 411 0.06 23.79 -16.27
N ILE A 412 0.04 24.78 -15.35
CA ILE A 412 0.21 26.19 -15.69
C ILE A 412 1.52 26.70 -15.10
N SER A 413 2.27 27.46 -15.91
CA SER A 413 3.51 28.10 -15.48
C SER A 413 3.44 29.61 -15.74
N CYS A 414 4.36 30.35 -15.11
CA CYS A 414 4.50 31.78 -15.36
C CYS A 414 5.95 32.21 -15.15
N SER A 415 6.49 32.94 -16.13
CA SER A 415 7.90 33.33 -16.06
C SER A 415 8.20 34.24 -14.87
N CYS A 416 7.18 34.78 -14.21
CA CYS A 416 7.41 35.58 -13.02
CA CYS A 416 7.39 35.58 -13.01
C CYS A 416 7.72 34.73 -11.79
N LYS A 417 7.35 33.45 -11.79
CA LYS A 417 7.69 32.51 -10.71
C LYS A 417 8.36 31.30 -11.35
N PRO A 418 9.64 31.42 -11.73
CA PRO A 418 10.28 30.36 -12.51
C PRO A 418 10.33 29.05 -11.74
N GLY A 419 9.97 27.97 -12.43
CA GLY A 419 10.02 26.64 -11.86
C GLY A 419 8.76 26.18 -11.12
N LEU A 420 7.86 27.09 -10.78
CA LEU A 420 6.63 26.73 -10.07
C LEU A 420 5.52 26.32 -11.04
N LEU A 421 4.68 25.39 -10.59
CA LEU A 421 3.57 24.88 -11.41
C LEU A 421 2.31 24.79 -10.55
N VAL A 422 1.15 24.99 -11.19
CA VAL A 422 -0.14 24.61 -10.59
C VAL A 422 -0.85 23.66 -11.54
N CYS A 423 -1.66 22.75 -10.98
CA CYS A 423 -2.55 21.95 -11.82
C CYS A 423 -3.72 22.83 -12.29
N LEU A 424 -4.54 22.28 -13.20
CA LEU A 424 -5.55 23.12 -13.85
C LEU A 424 -6.76 23.38 -12.96
N HIS A 425 -6.86 22.76 -11.79
CA HIS A 425 -7.85 23.16 -10.79
C HIS A 425 -7.44 24.40 -10.00
N HIS A 426 -6.18 24.84 -10.09
CA HIS A 426 -5.65 25.86 -9.18
C HIS A 426 -4.93 26.98 -9.93
N VAL A 427 -5.45 27.35 -11.10
CA VAL A 427 -4.87 28.43 -11.90
C VAL A 427 -4.73 29.73 -11.10
N LYS A 428 -5.67 30.02 -10.21
CA LYS A 428 -5.61 31.28 -9.47
C LYS A 428 -4.58 31.28 -8.33
N GLU A 429 -3.90 30.17 -8.06
CA GLU A 429 -3.01 30.06 -6.91
C GLU A 429 -1.52 30.17 -7.26
N LEU A 430 -1.18 30.54 -8.49
CA LEU A 430 0.23 30.51 -8.91
C LEU A 430 0.99 31.78 -8.56
N CYS A 431 0.47 32.94 -8.96
CA CYS A 431 1.12 34.23 -8.71
C CYS A 431 0.13 35.35 -9.00
N SER A 432 0.56 36.59 -8.75
CA SER A 432 -0.32 37.74 -8.90
C SER A 432 -0.39 38.28 -10.32
N CYS A 433 0.36 37.71 -11.27
CA CYS A 433 0.34 38.22 -12.63
C CYS A 433 -0.98 37.87 -13.33
N PRO A 434 -1.41 38.68 -14.28
CA PRO A 434 -2.63 38.36 -15.02
C PRO A 434 -2.44 37.10 -15.86
N PRO A 435 -3.51 36.34 -16.08
CA PRO A 435 -3.40 35.06 -16.81
C PRO A 435 -2.83 35.15 -18.22
N TYR A 436 -2.87 36.30 -18.91
CA TYR A 436 -2.26 36.26 -20.25
C TYR A 436 -0.74 36.11 -20.21
N LYS A 437 -0.12 36.27 -19.05
CA LYS A 437 1.31 36.00 -18.90
C LYS A 437 1.60 34.52 -18.62
N TYR A 438 0.57 33.68 -18.50
CA TYR A 438 0.74 32.28 -18.17
C TYR A 438 0.93 31.44 -19.44
N LYS A 439 1.45 30.23 -19.26
CA LYS A 439 1.48 29.26 -20.35
C LYS A 439 0.84 27.96 -19.90
N LEU A 440 0.01 27.36 -20.76
CA LEU A 440 -0.41 25.98 -20.56
C LEU A 440 0.69 25.05 -21.06
N ARG A 441 1.23 24.23 -20.16
CA ARG A 441 2.21 23.21 -20.49
C ARG A 441 1.49 21.88 -20.54
N TYR A 442 1.57 21.16 -21.68
CA TYR A 442 0.78 19.95 -21.87
C TYR A 442 1.66 18.82 -22.40
N ARG A 443 1.34 17.58 -22.00
CA ARG A 443 2.11 16.43 -22.50
C ARG A 443 1.66 16.04 -23.91
N TYR A 444 0.35 16.05 -24.16
CA TYR A 444 -0.25 15.56 -25.40
C TYR A 444 -1.34 16.53 -25.86
N THR A 445 -1.47 16.68 -27.18
CA THR A 445 -2.69 17.29 -27.70
C THR A 445 -3.82 16.26 -27.69
N LEU A 446 -5.07 16.76 -27.73
CA LEU A 446 -6.19 15.84 -27.85
C LEU A 446 -6.04 14.96 -29.08
N ASP A 447 -5.46 15.48 -30.17
CA ASP A 447 -5.25 14.70 -31.37
C ASP A 447 -4.18 13.61 -31.20
N ASP A 448 -3.22 13.77 -30.28
CA ASP A 448 -2.32 12.67 -29.95
C ASP A 448 -3.06 11.57 -29.18
N LEU A 449 -4.01 11.97 -28.33
CA LEU A 449 -4.59 11.06 -27.34
C LEU A 449 -5.59 10.08 -27.96
N TYR A 450 -6.43 10.54 -28.90
CA TYR A 450 -7.43 9.63 -29.45
C TYR A 450 -6.83 8.42 -30.17
N PRO A 451 -5.76 8.55 -30.96
CA PRO A 451 -5.12 7.35 -31.53
C PRO A 451 -4.52 6.42 -30.48
N MET A 452 -3.98 6.95 -29.37
CA MET A 452 -3.49 6.09 -28.30
C MET A 452 -4.62 5.24 -27.73
N MET A 453 -5.79 5.83 -27.51
CA MET A 453 -6.91 5.05 -26.99
C MET A 453 -7.40 4.03 -28.02
N ASN A 454 -7.29 4.36 -29.32
CA ASN A 454 -7.72 3.44 -30.37
C ASN A 454 -6.83 2.21 -30.47
N ALA A 455 -5.53 2.35 -30.18
CA ALA A 455 -4.66 1.18 -30.14
C ALA A 455 -5.13 0.21 -29.07
N LEU A 456 -5.55 0.71 -27.90
CA LEU A 456 -6.04 -0.16 -26.84
C LEU A 456 -7.29 -0.89 -27.29
N LYS A 457 -8.17 -0.19 -28.01
CA LYS A 457 -9.41 -0.80 -28.50
C LYS A 457 -9.13 -1.94 -29.48
N LEU A 458 -8.22 -1.70 -30.42
CA LEU A 458 -7.83 -2.77 -31.36
C LEU A 458 -7.26 -3.97 -30.62
N ARG A 459 -6.34 -3.73 -29.68
CA ARG A 459 -5.79 -4.84 -28.91
C ARG A 459 -6.88 -5.59 -28.15
N ALA A 460 -7.85 -4.85 -27.60
CA ALA A 460 -8.88 -5.47 -26.79
C ALA A 460 -9.90 -6.25 -27.61
N GLU A 461 -10.18 -5.81 -28.84
CA GLU A 461 -11.25 -6.35 -29.65
C GLU A 461 -10.90 -7.65 -30.37
N SER A 462 -9.68 -8.16 -30.20
CA SER A 462 -9.31 -9.45 -30.78
C SER A 462 -9.34 -10.57 -29.75
#